data_1DU5
#
_entry.id   1DU5
#
_cell.length_a   69.490
_cell.length_b   56.720
_cell.length_c   47.720
_cell.angle_alpha   90.00
_cell.angle_beta   105.00
_cell.angle_gamma   90.00
#
_symmetry.space_group_name_H-M   'P 1 21 1'
#
loop_
_entity.id
_entity.type
_entity.pdbx_description
1 polymer ZEAMATIN
2 water water
#
_entity_poly.entity_id   1
_entity_poly.type   'polypeptide(L)'
_entity_poly.pdbx_seq_one_letter_code
;AVFTVVNQCPFTVWAASVPVGGGRQLNRGESWRITAPAGTTAARIWARTGCKFDASGRGSCRTGDCGGVLQCTGYGRAPN
TLAEYALKQFNNLDFFDISLIDGFNVPMSFLPDGGSGCSRGPRCAVDVNARCPAELRQDGVCNNACPVFKKDEYCCVGSA
ANDCHPTNYSRYFKGQCPDAYSYPKDDATSTFTCPAGTNYKVVFCP
;
_entity_poly.pdbx_strand_id   A,B
#
# COMPACT_ATOMS: atom_id res chain seq x y z
N ALA A 1 0.07 -9.39 -3.49
CA ALA A 1 -0.72 -8.50 -2.70
C ALA A 1 0.37 -7.66 -2.06
N VAL A 2 -0.01 -6.48 -1.62
CA VAL A 2 0.86 -5.60 -0.88
C VAL A 2 0.30 -5.72 0.54
N PHE A 3 1.21 -5.83 1.50
CA PHE A 3 0.86 -5.86 2.89
C PHE A 3 1.40 -4.57 3.48
N THR A 4 0.51 -3.77 4.01
CA THR A 4 0.95 -2.60 4.75
C THR A 4 1.03 -3.09 6.21
N VAL A 5 2.14 -2.83 6.87
CA VAL A 5 2.35 -3.23 8.25
C VAL A 5 2.64 -1.94 9.03
N VAL A 6 1.83 -1.57 10.04
CA VAL A 6 2.06 -0.35 10.79
C VAL A 6 2.13 -0.64 12.29
N ASN A 7 3.11 0.04 12.91
CA ASN A 7 3.38 -0.04 14.33
C ASN A 7 2.62 1.06 15.03
N GLN A 8 1.59 0.68 15.76
CA GLN A 8 0.81 1.66 16.48
C GLN A 8 1.06 1.49 17.99
N CYS A 9 2.01 0.63 18.34
CA CYS A 9 2.40 0.39 19.71
C CYS A 9 3.25 1.55 20.21
N PRO A 10 3.29 1.93 21.51
CA PRO A 10 4.06 3.06 22.01
C PRO A 10 5.54 2.74 22.18
N PHE A 11 5.97 1.61 21.63
CA PHE A 11 7.34 1.12 21.77
C PHE A 11 7.76 0.71 20.37
N THR A 12 9.05 0.54 20.12
CA THR A 12 9.51 0.14 18.80
C THR A 12 9.31 -1.36 18.63
N VAL A 13 8.94 -1.74 17.41
CA VAL A 13 8.85 -3.14 17.06
C VAL A 13 9.79 -3.32 15.90
N TRP A 14 10.35 -4.51 15.80
CA TRP A 14 11.16 -4.85 14.67
C TRP A 14 10.23 -5.83 14.00
N ALA A 15 9.50 -5.35 13.00
CA ALA A 15 8.56 -6.20 12.27
C ALA A 15 9.34 -7.26 11.50
N ALA A 16 8.72 -8.38 11.22
CA ALA A 16 9.37 -9.47 10.51
C ALA A 16 8.35 -10.10 9.58
N SER A 17 8.80 -10.51 8.40
CA SER A 17 7.94 -11.08 7.37
C SER A 17 8.73 -12.11 6.59
N VAL A 18 8.25 -13.35 6.58
CA VAL A 18 8.88 -14.46 5.89
C VAL A 18 7.84 -15.03 4.94
N PRO A 19 8.14 -15.50 3.73
CA PRO A 19 9.45 -15.54 3.11
C PRO A 19 9.82 -14.33 2.27
N VAL A 20 9.09 -13.22 2.36
CA VAL A 20 9.32 -12.05 1.53
C VAL A 20 9.31 -10.90 2.51
N GLY A 21 10.24 -9.97 2.45
CA GLY A 21 10.24 -8.86 3.37
C GLY A 21 11.52 -8.88 4.15
N GLY A 22 11.66 -9.82 5.07
CA GLY A 22 12.83 -9.91 5.90
C GLY A 22 12.48 -9.28 7.23
N GLY A 23 12.99 -8.09 7.46
CA GLY A 23 12.78 -7.44 8.74
C GLY A 23 12.97 -5.94 8.64
N ARG A 24 12.32 -5.17 9.51
CA ARG A 24 12.42 -3.73 9.48
C ARG A 24 12.11 -3.14 10.84
N GLN A 25 12.88 -2.11 11.17
CA GLN A 25 12.67 -1.45 12.42
C GLN A 25 11.61 -0.40 12.23
N LEU A 26 10.52 -0.57 12.95
CA LEU A 26 9.45 0.40 12.91
C LEU A 26 9.21 1.04 14.26
N ASN A 27 9.49 2.33 14.33
CA ASN A 27 9.22 3.11 15.53
C ASN A 27 7.72 3.43 15.53
N ARG A 28 7.20 4.00 16.61
CA ARG A 28 5.78 4.29 16.73
C ARG A 28 5.29 5.19 15.60
N GLY A 29 4.29 4.71 14.88
CA GLY A 29 3.65 5.45 13.82
C GLY A 29 4.22 5.12 12.44
N GLU A 30 5.19 4.22 12.34
CA GLU A 30 5.77 3.91 11.06
C GLU A 30 5.07 2.71 10.43
N SER A 31 5.27 2.57 9.12
CA SER A 31 4.67 1.52 8.33
C SER A 31 5.66 1.01 7.30
N TRP A 32 5.54 -0.25 6.92
CA TRP A 32 6.42 -0.87 5.94
C TRP A 32 5.44 -1.45 4.92
N ARG A 33 5.72 -1.42 3.62
CA ARG A 33 4.83 -2.01 2.63
C ARG A 33 5.61 -3.06 1.86
N ILE A 34 5.13 -4.30 1.95
CA ILE A 34 5.79 -5.49 1.42
C ILE A 34 4.98 -5.94 0.22
N THR A 35 5.60 -6.49 -0.81
CA THR A 35 4.82 -7.01 -1.92
C THR A 35 5.13 -8.50 -1.95
N ALA A 36 4.09 -9.25 -1.61
CA ALA A 36 4.13 -10.69 -1.66
C ALA A 36 3.53 -11.09 -3.00
N PRO A 37 4.24 -11.81 -3.87
CA PRO A 37 3.72 -12.29 -5.14
C PRO A 37 2.64 -13.35 -4.95
N ALA A 38 1.72 -13.45 -5.90
CA ALA A 38 0.67 -14.47 -5.83
C ALA A 38 1.35 -15.83 -5.86
N GLY A 39 0.79 -16.83 -5.19
CA GLY A 39 1.46 -18.11 -5.14
C GLY A 39 2.27 -18.26 -3.87
N THR A 40 2.47 -17.21 -3.08
CA THR A 40 3.11 -17.35 -1.78
C THR A 40 2.19 -18.25 -0.94
N THR A 41 2.81 -19.05 -0.09
CA THR A 41 2.13 -19.96 0.81
C THR A 41 3.02 -20.08 2.06
N ALA A 42 2.41 -20.52 3.18
CA ALA A 42 3.08 -20.66 4.48
C ALA A 42 3.87 -19.43 4.94
N ALA A 43 3.29 -18.26 4.80
CA ALA A 43 3.96 -17.04 5.21
C ALA A 43 3.39 -16.45 6.49
N ARG A 44 4.21 -15.70 7.24
CA ARG A 44 3.74 -15.01 8.42
C ARG A 44 4.49 -13.71 8.63
N ILE A 45 3.85 -12.81 9.35
CA ILE A 45 4.33 -11.47 9.64
C ILE A 45 4.13 -11.35 11.16
N TRP A 46 5.09 -10.77 11.88
CA TRP A 46 5.01 -10.63 13.32
C TRP A 46 5.90 -9.50 13.79
N ALA A 47 5.85 -9.14 15.06
CA ALA A 47 6.68 -8.10 15.61
C ALA A 47 7.59 -8.74 16.65
N ARG A 48 8.81 -8.25 16.71
CA ARG A 48 9.76 -8.66 17.71
C ARG A 48 9.91 -7.46 18.61
N THR A 49 9.79 -7.64 19.92
CA THR A 49 9.99 -6.56 20.86
C THR A 49 11.35 -6.75 21.52
N GLY A 50 11.91 -5.69 22.09
CA GLY A 50 13.19 -5.72 22.79
C GLY A 50 14.37 -6.24 21.95
N CYS A 51 14.66 -5.67 20.80
CA CYS A 51 15.75 -6.20 20.02
C CYS A 51 16.93 -5.25 20.05
N LYS A 52 18.14 -5.77 19.88
CA LYS A 52 19.32 -4.94 19.82
C LYS A 52 20.08 -5.58 18.69
N PHE A 53 20.39 -4.77 17.69
CA PHE A 53 21.09 -5.22 16.49
C PHE A 53 22.17 -4.19 16.17
N ASP A 54 23.23 -4.65 15.52
CA ASP A 54 24.30 -3.76 15.10
C ASP A 54 24.15 -3.42 13.62
N ALA A 55 25.10 -2.66 13.07
CA ALA A 55 25.11 -2.26 11.66
C ALA A 55 25.05 -3.41 10.64
N SER A 56 25.52 -4.62 10.97
CA SER A 56 25.39 -5.77 10.09
C SER A 56 24.03 -6.46 10.21
N GLY A 57 23.10 -5.94 11.00
CA GLY A 57 21.81 -6.57 11.22
C GLY A 57 21.90 -7.88 12.00
N ARG A 58 22.83 -7.91 12.97
CA ARG A 58 23.11 -9.09 13.76
C ARG A 58 22.91 -8.72 15.23
N GLY A 59 22.26 -9.58 16.02
CA GLY A 59 22.00 -9.29 17.43
C GLY A 59 20.97 -10.22 18.07
N SER A 60 19.95 -9.73 18.78
CA SER A 60 19.00 -10.57 19.49
C SER A 60 17.73 -9.79 19.77
N CYS A 61 16.67 -10.50 20.20
CA CYS A 61 15.33 -10.01 20.47
C CYS A 61 14.68 -10.81 21.59
N ARG A 62 13.90 -10.11 22.42
CA ARG A 62 13.18 -10.71 23.53
C ARG A 62 12.06 -11.64 23.08
N THR A 63 11.24 -11.23 22.13
CA THR A 63 10.18 -12.10 21.64
C THR A 63 10.37 -12.20 20.13
N GLY A 64 9.89 -13.28 19.54
CA GLY A 64 9.85 -13.44 18.10
C GLY A 64 11.18 -13.47 17.38
N ASP A 65 12.29 -13.62 18.12
CA ASP A 65 13.63 -13.57 17.53
C ASP A 65 13.75 -14.63 16.46
N CYS A 66 14.20 -14.26 15.26
CA CYS A 66 14.39 -15.23 14.21
C CYS A 66 15.89 -15.31 14.06
N GLY A 67 16.46 -16.37 14.64
CA GLY A 67 17.86 -16.74 14.51
C GLY A 67 18.93 -15.66 14.64
N GLY A 68 18.67 -14.59 15.40
CA GLY A 68 19.70 -13.60 15.67
C GLY A 68 19.92 -12.60 14.54
N VAL A 69 19.12 -12.65 13.47
CA VAL A 69 19.25 -11.74 12.36
C VAL A 69 18.09 -10.76 12.36
N LEU A 70 18.30 -9.57 11.78
CA LEU A 70 17.24 -8.59 11.60
C LEU A 70 16.44 -9.07 10.39
N GLN A 71 17.17 -9.38 9.32
CA GLN A 71 16.53 -9.82 8.10
C GLN A 71 16.08 -11.27 8.24
N CYS A 72 14.92 -11.51 8.83
CA CYS A 72 14.38 -12.87 8.97
C CYS A 72 14.28 -13.64 7.67
N THR A 73 14.87 -14.83 7.68
CA THR A 73 14.75 -15.77 6.60
C THR A 73 14.01 -16.99 7.13
N GLY A 74 13.91 -17.18 8.45
CA GLY A 74 13.18 -18.30 9.02
C GLY A 74 12.15 -17.78 10.01
N TYR A 75 11.28 -18.67 10.50
CA TYR A 75 10.24 -18.36 11.49
C TYR A 75 10.86 -17.94 12.80
N GLY A 76 10.14 -17.20 13.64
CA GLY A 76 10.69 -16.70 14.89
C GLY A 76 10.25 -17.52 16.08
N ARG A 77 10.85 -17.25 17.23
CA ARG A 77 10.50 -17.95 18.45
C ARG A 77 9.41 -17.33 19.30
N ALA A 78 8.59 -18.26 19.79
CA ALA A 78 7.46 -18.02 20.64
C ALA A 78 7.89 -17.35 21.93
N PRO A 79 7.14 -16.47 22.62
CA PRO A 79 5.81 -16.00 22.25
C PRO A 79 5.70 -14.87 21.23
N ASN A 80 4.79 -15.02 20.26
CA ASN A 80 4.62 -14.04 19.20
C ASN A 80 3.31 -14.26 18.47
N THR A 81 2.58 -13.14 18.41
CA THR A 81 1.29 -13.10 17.77
C THR A 81 1.58 -13.29 16.28
N LEU A 82 0.87 -14.12 15.53
CA LEU A 82 1.25 -14.34 14.15
C LEU A 82 0.14 -13.98 13.20
N ALA A 83 0.48 -13.22 12.17
CA ALA A 83 -0.44 -12.94 11.07
C ALA A 83 0.05 -13.97 10.04
N GLU A 84 -0.79 -14.89 9.58
CA GLU A 84 -0.39 -15.95 8.67
C GLU A 84 -1.22 -15.85 7.40
N TYR A 85 -0.65 -16.08 6.23
CA TYR A 85 -1.37 -15.98 4.98
C TYR A 85 -0.82 -16.92 3.92
N ALA A 86 -1.62 -17.14 2.88
CA ALA A 86 -1.27 -17.91 1.71
C ALA A 86 -2.05 -17.22 0.60
N LEU A 87 -1.40 -16.81 -0.49
CA LEU A 87 -2.01 -16.08 -1.58
C LEU A 87 -2.35 -16.96 -2.78
N LYS A 88 -3.63 -16.87 -3.17
CA LYS A 88 -4.15 -17.42 -4.41
C LYS A 88 -3.84 -18.92 -4.57
N GLN A 89 -4.52 -19.68 -3.75
CA GLN A 89 -4.37 -21.10 -3.88
C GLN A 89 -5.75 -21.50 -4.39
N PHE A 90 -6.38 -22.56 -3.92
CA PHE A 90 -7.67 -23.02 -4.42
C PHE A 90 -8.70 -21.96 -4.81
N ASN A 91 -9.22 -22.11 -6.04
CA ASN A 91 -10.25 -21.25 -6.62
C ASN A 91 -9.96 -19.76 -6.51
N ASN A 92 -8.67 -19.44 -6.63
CA ASN A 92 -8.12 -18.08 -6.56
C ASN A 92 -8.51 -17.28 -5.34
N LEU A 93 -8.46 -18.00 -4.22
CA LEU A 93 -8.74 -17.39 -2.95
C LEU A 93 -7.45 -17.29 -2.17
N ASP A 94 -7.37 -16.24 -1.35
CA ASP A 94 -6.29 -16.02 -0.40
C ASP A 94 -6.85 -16.53 0.91
N PHE A 95 -5.95 -17.10 1.72
CA PHE A 95 -6.24 -17.66 3.02
C PHE A 95 -5.43 -16.91 4.04
N PHE A 96 -6.02 -16.51 5.17
CA PHE A 96 -5.29 -15.80 6.21
C PHE A 96 -5.99 -15.94 7.57
N ASP A 97 -5.22 -15.73 8.63
CA ASP A 97 -5.66 -15.83 10.02
C ASP A 97 -4.63 -15.17 10.95
N ILE A 98 -5.00 -15.06 12.22
CA ILE A 98 -4.10 -14.63 13.27
C ILE A 98 -4.00 -15.88 14.15
N SER A 99 -2.79 -16.26 14.54
CA SER A 99 -2.60 -17.40 15.38
C SER A 99 -1.91 -16.99 16.67
N LEU A 100 -2.44 -17.58 17.75
CA LEU A 100 -1.87 -17.43 19.07
C LEU A 100 -1.29 -18.77 19.51
N ILE A 101 -1.19 -19.77 18.63
CA ILE A 101 -0.64 -21.09 18.95
C ILE A 101 0.78 -20.94 19.50
N ASP A 102 1.58 -20.00 18.99
CA ASP A 102 2.92 -19.71 19.47
C ASP A 102 2.94 -18.50 20.40
N GLY A 103 1.88 -18.35 21.20
CA GLY A 103 1.80 -17.26 22.15
C GLY A 103 1.35 -15.97 21.50
N PHE A 104 1.34 -14.98 22.38
CA PHE A 104 0.90 -13.65 22.08
C PHE A 104 1.99 -12.75 22.60
N ASN A 105 2.45 -11.77 21.81
CA ASN A 105 3.30 -10.77 22.41
C ASN A 105 2.62 -9.43 22.21
N VAL A 106 2.31 -8.94 21.00
CA VAL A 106 1.63 -7.66 20.84
C VAL A 106 0.19 -7.86 20.41
N PRO A 107 -0.74 -6.90 20.56
CA PRO A 107 -2.06 -6.94 19.93
C PRO A 107 -1.97 -6.81 18.42
N MET A 108 -2.87 -7.41 17.64
CA MET A 108 -2.77 -7.40 16.18
C MET A 108 -4.11 -7.28 15.44
N SER A 109 -4.11 -6.79 14.21
CA SER A 109 -5.28 -6.77 13.33
C SER A 109 -4.77 -7.18 11.98
N PHE A 110 -5.55 -7.95 11.22
CA PHE A 110 -5.12 -8.39 9.91
C PHE A 110 -6.36 -8.23 9.03
N LEU A 111 -6.50 -7.11 8.32
CA LEU A 111 -7.71 -6.81 7.58
C LEU A 111 -7.49 -6.64 6.08
N PRO A 112 -8.41 -6.98 5.18
CA PRO A 112 -8.42 -6.54 3.79
C PRO A 112 -8.26 -5.03 3.67
N ASP A 113 -7.58 -4.56 2.64
CA ASP A 113 -7.27 -3.16 2.53
C ASP A 113 -7.50 -2.80 1.07
N GLY A 114 -8.65 -3.19 0.54
CA GLY A 114 -8.98 -2.87 -0.83
C GLY A 114 -8.45 -3.92 -1.78
N GLY A 115 -8.63 -3.62 -3.06
CA GLY A 115 -8.27 -4.52 -4.14
C GLY A 115 -9.42 -5.46 -4.47
N SER A 116 -10.45 -5.50 -3.64
CA SER A 116 -11.61 -6.34 -3.86
C SER A 116 -12.70 -5.83 -2.90
N GLY A 117 -13.88 -6.43 -2.88
CA GLY A 117 -14.92 -6.01 -1.94
C GLY A 117 -14.85 -6.78 -0.63
N CYS A 118 -13.75 -7.47 -0.34
CA CYS A 118 -13.57 -8.25 0.88
C CYS A 118 -13.54 -7.30 2.08
N SER A 119 -14.28 -7.56 3.15
CA SER A 119 -14.21 -6.69 4.32
C SER A 119 -13.83 -7.37 5.63
N ARG A 120 -14.25 -8.62 5.84
CA ARG A 120 -13.98 -9.32 7.10
C ARG A 120 -12.50 -9.67 7.25
N GLY A 121 -11.99 -9.51 8.45
CA GLY A 121 -10.62 -9.89 8.75
C GLY A 121 -10.53 -10.21 10.23
N PRO A 122 -9.54 -10.95 10.70
CA PRO A 122 -9.34 -11.19 12.12
C PRO A 122 -8.64 -10.07 12.87
N ARG A 123 -8.95 -9.92 14.15
CA ARG A 123 -8.25 -8.99 15.00
C ARG A 123 -8.17 -9.54 16.42
N CYS A 124 -7.11 -9.22 17.12
CA CYS A 124 -6.89 -9.63 18.49
C CYS A 124 -6.28 -8.38 19.12
N ALA A 125 -7.14 -7.40 19.28
CA ALA A 125 -6.74 -6.11 19.81
C ALA A 125 -6.80 -6.04 21.34
N VAL A 126 -7.03 -7.17 22.00
CA VAL A 126 -7.17 -7.13 23.44
C VAL A 126 -5.82 -7.38 24.08
N ASP A 127 -5.61 -6.79 25.27
CA ASP A 127 -4.38 -7.00 25.98
C ASP A 127 -4.40 -8.39 26.63
N VAL A 128 -4.05 -9.41 25.86
CA VAL A 128 -4.02 -10.80 26.35
C VAL A 128 -3.04 -10.95 27.52
N ASN A 129 -2.00 -10.11 27.60
CA ASN A 129 -1.06 -10.22 28.71
C ASN A 129 -1.62 -9.92 30.09
N ALA A 130 -2.67 -9.10 30.18
CA ALA A 130 -3.20 -8.68 31.47
C ALA A 130 -3.79 -9.80 32.33
N ARG A 131 -4.55 -10.73 31.75
CA ARG A 131 -5.15 -11.82 32.50
C ARG A 131 -4.49 -13.16 32.18
N CYS A 132 -3.26 -13.11 31.66
CA CYS A 132 -2.57 -14.32 31.28
C CYS A 132 -2.36 -15.29 32.45
N PRO A 133 -2.56 -16.61 32.25
CA PRO A 133 -2.24 -17.62 33.24
C PRO A 133 -0.78 -17.56 33.68
N ALA A 134 -0.55 -17.46 34.99
CA ALA A 134 0.77 -17.44 35.62
C ALA A 134 1.85 -18.36 35.03
N GLU A 135 1.50 -19.64 34.86
CA GLU A 135 2.40 -20.63 34.29
C GLU A 135 2.83 -20.36 32.85
N LEU A 136 1.99 -19.66 32.08
CA LEU A 136 2.28 -19.33 30.68
C LEU A 136 3.00 -18.00 30.54
N ARG A 137 3.07 -17.22 31.63
CA ARG A 137 3.76 -15.94 31.57
C ARG A 137 5.23 -16.25 31.29
N GLN A 138 5.77 -15.69 30.21
CA GLN A 138 7.13 -15.91 29.81
C GLN A 138 7.60 -14.69 29.03
N ASP A 139 8.88 -14.33 29.23
CA ASP A 139 9.51 -13.18 28.58
C ASP A 139 8.75 -11.87 28.65
N GLY A 140 8.11 -11.63 29.79
CA GLY A 140 7.30 -10.44 29.98
C GLY A 140 5.97 -10.49 29.24
N VAL A 141 5.59 -11.55 28.49
CA VAL A 141 4.31 -11.61 27.79
C VAL A 141 3.62 -12.96 28.00
N CYS A 142 2.53 -13.26 27.31
CA CYS A 142 1.78 -14.49 27.50
C CYS A 142 2.07 -15.51 26.41
N ASN A 143 2.65 -16.65 26.76
CA ASN A 143 2.95 -17.66 25.75
C ASN A 143 1.81 -18.65 25.79
N ASN A 144 1.72 -19.63 24.88
CA ASN A 144 0.62 -20.58 24.86
C ASN A 144 1.16 -21.95 25.26
N ALA A 145 0.27 -22.94 25.49
CA ALA A 145 0.61 -24.24 26.03
C ALA A 145 1.47 -25.16 25.21
N CYS A 146 1.34 -25.30 23.89
CA CYS A 146 2.27 -26.17 23.15
C CYS A 146 3.74 -25.75 23.33
N PRO A 147 4.28 -24.56 23.03
CA PRO A 147 5.69 -24.26 23.29
C PRO A 147 6.13 -24.31 24.75
N VAL A 148 5.24 -24.11 25.73
CA VAL A 148 5.66 -24.19 27.12
C VAL A 148 5.70 -25.64 27.61
N PHE A 149 4.66 -26.41 27.36
CA PHE A 149 4.57 -27.75 27.92
C PHE A 149 5.01 -28.87 27.01
N LYS A 150 5.34 -28.59 25.75
CA LYS A 150 5.86 -29.55 24.77
C LYS A 150 5.17 -30.92 24.74
N LYS A 151 3.84 -30.92 24.83
CA LYS A 151 3.08 -32.13 24.98
C LYS A 151 2.07 -32.31 23.87
N ASP A 152 1.82 -33.57 23.49
CA ASP A 152 0.91 -33.91 22.41
C ASP A 152 -0.46 -33.27 22.45
N GLU A 153 -1.10 -33.26 23.62
CA GLU A 153 -2.45 -32.70 23.78
C GLU A 153 -2.53 -31.22 23.42
N TYR A 154 -1.40 -30.51 23.49
CA TYR A 154 -1.40 -29.09 23.20
C TYR A 154 -0.78 -28.82 21.83
N CYS A 155 0.14 -29.65 21.36
CA CYS A 155 0.83 -29.40 20.11
C CYS A 155 0.14 -30.05 18.92
N CYS A 156 -0.47 -31.22 19.11
CA CYS A 156 -1.16 -31.98 18.09
C CYS A 156 -0.41 -32.30 16.78
N VAL A 157 0.89 -32.59 16.80
CA VAL A 157 1.64 -32.84 15.57
C VAL A 157 1.43 -34.27 15.09
N GLY A 158 1.21 -34.45 13.80
CA GLY A 158 1.15 -35.78 13.19
C GLY A 158 -0.01 -36.60 13.69
N SER A 159 0.26 -37.77 14.25
CA SER A 159 -0.81 -38.64 14.73
C SER A 159 -1.54 -38.07 15.96
N ALA A 160 -0.98 -37.04 16.61
CA ALA A 160 -1.67 -36.41 17.72
C ALA A 160 -2.76 -35.47 17.23
N ALA A 161 -2.72 -35.05 15.96
CA ALA A 161 -3.75 -34.17 15.41
C ALA A 161 -5.13 -34.77 15.52
N ASN A 162 -5.28 -36.06 15.24
CA ASN A 162 -6.53 -36.79 15.39
C ASN A 162 -7.26 -36.64 16.72
N ASP A 163 -6.54 -36.54 17.83
CA ASP A 163 -7.18 -36.38 19.13
C ASP A 163 -7.16 -34.93 19.59
N CYS A 164 -6.74 -33.95 18.79
CA CYS A 164 -6.64 -32.56 19.23
C CYS A 164 -8.00 -31.93 19.59
N HIS A 165 -8.11 -31.48 20.84
CA HIS A 165 -9.33 -30.91 21.39
C HIS A 165 -8.98 -29.59 22.07
N PRO A 166 -9.89 -28.68 22.45
CA PRO A 166 -9.60 -27.56 23.32
C PRO A 166 -9.13 -28.04 24.70
N THR A 167 -8.33 -27.20 25.34
CA THR A 167 -7.84 -27.45 26.67
C THR A 167 -8.22 -26.22 27.49
N ASN A 168 -7.89 -26.17 28.78
CA ASN A 168 -8.19 -25.02 29.61
C ASN A 168 -7.33 -23.83 29.17
N TYR A 169 -6.18 -24.10 28.57
CA TYR A 169 -5.33 -23.03 28.10
C TYR A 169 -5.78 -22.49 26.74
N SER A 170 -6.23 -23.29 25.76
CA SER A 170 -6.65 -22.72 24.49
C SER A 170 -7.89 -21.89 24.67
N ARG A 171 -8.79 -22.37 25.55
CA ARG A 171 -9.97 -21.63 25.92
C ARG A 171 -9.64 -20.29 26.52
N TYR A 172 -8.52 -20.11 27.25
CA TYR A 172 -8.16 -18.77 27.69
C TYR A 172 -8.00 -17.86 26.47
N PHE A 173 -7.17 -18.23 25.50
CA PHE A 173 -6.92 -17.35 24.38
C PHE A 173 -8.16 -17.16 23.52
N LYS A 174 -8.98 -18.20 23.32
CA LYS A 174 -10.17 -18.07 22.48
C LYS A 174 -11.19 -17.14 23.11
N GLY A 175 -11.18 -17.01 24.44
CA GLY A 175 -12.08 -16.11 25.13
C GLY A 175 -11.68 -14.67 24.90
N GLN A 176 -10.36 -14.51 24.91
CA GLN A 176 -9.70 -13.23 24.72
C GLN A 176 -9.86 -12.73 23.30
N CYS A 177 -9.59 -13.61 22.35
CA CYS A 177 -9.66 -13.27 20.94
C CYS A 177 -10.30 -14.39 20.13
N PRO A 178 -11.62 -14.38 19.96
CA PRO A 178 -12.39 -15.43 19.29
C PRO A 178 -12.03 -15.63 17.82
N ASP A 179 -11.39 -14.66 17.16
CA ASP A 179 -11.06 -14.77 15.75
C ASP A 179 -9.80 -15.58 15.48
N ALA A 180 -8.87 -15.59 16.43
CA ALA A 180 -7.59 -16.25 16.26
C ALA A 180 -7.56 -17.73 16.60
N TYR A 181 -6.56 -18.42 16.03
CA TYR A 181 -6.31 -19.83 16.28
C TYR A 181 -5.81 -19.98 17.70
N SER A 182 -6.58 -20.59 18.60
CA SER A 182 -6.12 -20.80 19.97
C SER A 182 -5.29 -22.06 20.10
N TYR A 183 -5.57 -23.07 19.27
CA TYR A 183 -4.85 -24.33 19.28
C TYR A 183 -4.82 -24.86 17.85
N PRO A 184 -4.03 -25.88 17.47
CA PRO A 184 -3.94 -26.42 16.12
C PRO A 184 -5.20 -26.71 15.31
N LYS A 185 -6.25 -27.31 15.86
CA LYS A 185 -7.37 -27.66 15.02
C LYS A 185 -8.58 -26.75 15.18
N ASP A 186 -8.24 -25.49 15.38
CA ASP A 186 -9.24 -24.46 15.58
C ASP A 186 -9.67 -23.81 14.27
N ASP A 187 -9.68 -24.56 13.18
CA ASP A 187 -9.90 -24.04 11.84
C ASP A 187 -11.28 -23.46 11.58
N ALA A 188 -12.33 -24.09 12.14
CA ALA A 188 -13.73 -23.74 11.88
C ALA A 188 -14.10 -22.30 12.19
N THR A 189 -13.44 -21.75 13.20
CA THR A 189 -13.67 -20.37 13.60
C THR A 189 -12.56 -19.42 13.16
N SER A 190 -11.37 -19.91 12.83
CA SER A 190 -10.28 -18.99 12.59
C SER A 190 -9.84 -18.82 11.14
N THR A 191 -10.51 -19.40 10.14
CA THR A 191 -10.08 -19.25 8.75
C THR A 191 -10.80 -18.13 8.01
N PHE A 192 -10.07 -17.17 7.43
CA PHE A 192 -10.68 -16.13 6.62
C PHE A 192 -10.17 -16.26 5.20
N THR A 193 -11.00 -15.94 4.22
CA THR A 193 -10.60 -16.01 2.83
C THR A 193 -10.89 -14.66 2.22
N CYS A 194 -10.17 -14.23 1.19
CA CYS A 194 -10.46 -13.02 0.44
C CYS A 194 -10.08 -13.35 -0.99
N PRO A 195 -10.74 -12.82 -2.04
CA PRO A 195 -10.39 -13.09 -3.42
C PRO A 195 -8.94 -12.68 -3.69
N ALA A 196 -8.25 -13.36 -4.58
CA ALA A 196 -6.89 -12.99 -4.92
C ALA A 196 -6.96 -11.61 -5.57
N GLY A 197 -6.11 -10.66 -5.17
CA GLY A 197 -6.13 -9.29 -5.68
C GLY A 197 -6.31 -8.29 -4.53
N THR A 198 -6.87 -8.80 -3.43
CA THR A 198 -6.99 -8.05 -2.18
C THR A 198 -5.59 -7.72 -1.68
N ASN A 199 -5.45 -6.61 -0.97
CA ASN A 199 -4.20 -6.20 -0.33
C ASN A 199 -4.52 -6.18 1.17
N TYR A 200 -3.57 -6.16 2.12
CA TYR A 200 -3.94 -6.31 3.52
C TYR A 200 -3.19 -5.36 4.43
N LYS A 201 -3.78 -5.20 5.61
CA LYS A 201 -3.23 -4.34 6.62
C LYS A 201 -3.04 -5.10 7.91
N VAL A 202 -1.80 -5.06 8.43
CA VAL A 202 -1.44 -5.69 9.70
C VAL A 202 -1.08 -4.53 10.59
N VAL A 203 -1.75 -4.40 11.74
CA VAL A 203 -1.52 -3.29 12.65
C VAL A 203 -1.13 -3.88 13.99
N PHE A 204 0.00 -3.43 14.53
CA PHE A 204 0.48 -3.85 15.84
C PHE A 204 -0.08 -2.82 16.80
N CYS A 205 -0.76 -3.32 17.83
CA CYS A 205 -1.57 -2.55 18.78
C CYS A 205 -2.61 -1.70 18.05
N PRO A 206 -3.68 -2.28 17.45
CA PRO A 206 -4.83 -1.52 16.96
C PRO A 206 -5.66 -0.87 18.06
N ALA B 1 8.78 1.83 -4.29
CA ALA B 1 7.79 2.65 -3.64
C ALA B 1 6.48 1.95 -3.95
N VAL B 2 5.49 2.03 -3.07
CA VAL B 2 4.16 1.53 -3.38
C VAL B 2 3.28 2.75 -3.62
N PHE B 3 2.56 2.71 -4.74
CA PHE B 3 1.60 3.72 -5.12
C PHE B 3 0.18 3.22 -4.90
N THR B 4 -0.60 3.82 -4.01
CA THR B 4 -2.00 3.44 -3.89
C THR B 4 -2.79 4.56 -4.56
N VAL B 5 -3.53 4.11 -5.56
CA VAL B 5 -4.39 4.92 -6.39
C VAL B 5 -5.79 4.67 -5.86
N VAL B 6 -6.47 5.67 -5.30
CA VAL B 6 -7.83 5.48 -4.83
C VAL B 6 -8.73 6.32 -5.73
N ASN B 7 -9.81 5.75 -6.26
CA ASN B 7 -10.77 6.53 -7.04
C ASN B 7 -11.90 6.93 -6.10
N GLN B 8 -11.98 8.19 -5.71
CA GLN B 8 -13.10 8.67 -4.92
C GLN B 8 -14.12 9.40 -5.78
N CYS B 9 -13.87 9.56 -7.06
CA CYS B 9 -14.82 10.24 -7.92
C CYS B 9 -16.15 9.48 -8.00
N PRO B 10 -17.26 10.23 -8.07
CA PRO B 10 -18.60 9.69 -8.29
C PRO B 10 -18.87 9.10 -9.66
N PHE B 11 -17.89 8.49 -10.32
CA PHE B 11 -18.01 7.93 -11.65
C PHE B 11 -16.79 7.03 -11.80
N THR B 12 -16.95 5.92 -12.50
CA THR B 12 -15.82 5.05 -12.76
C THR B 12 -14.77 5.77 -13.61
N VAL B 13 -13.51 5.63 -13.21
CA VAL B 13 -12.42 6.12 -14.03
C VAL B 13 -11.59 4.89 -14.40
N TRP B 14 -10.73 5.04 -15.38
CA TRP B 14 -9.81 3.96 -15.72
C TRP B 14 -8.44 4.50 -15.39
N ALA B 15 -7.89 4.09 -14.25
CA ALA B 15 -6.57 4.58 -13.86
C ALA B 15 -5.53 4.00 -14.82
N ALA B 16 -4.42 4.72 -15.00
CA ALA B 16 -3.38 4.28 -15.89
C ALA B 16 -2.06 4.66 -15.25
N SER B 17 -1.02 3.89 -15.54
CA SER B 17 0.28 4.05 -14.93
C SER B 17 1.31 3.51 -15.90
N VAL B 18 2.33 4.29 -16.23
CA VAL B 18 3.42 3.86 -17.09
C VAL B 18 4.65 4.19 -16.24
N PRO B 19 5.73 3.42 -16.28
CA PRO B 19 5.83 2.13 -16.97
C PRO B 19 5.46 0.92 -16.14
N VAL B 20 4.69 1.07 -15.07
CA VAL B 20 4.37 -0.06 -14.21
C VAL B 20 2.86 -0.11 -14.03
N GLY B 21 2.18 -1.24 -14.08
CA GLY B 21 0.74 -1.26 -13.87
C GLY B 21 -0.02 -1.32 -15.20
N GLY B 22 0.03 -0.27 -15.99
CA GLY B 22 -0.68 -0.24 -17.25
C GLY B 22 -2.01 0.45 -17.02
N GLY B 23 -3.05 -0.30 -16.72
CA GLY B 23 -4.36 0.31 -16.55
C GLY B 23 -5.30 -0.62 -15.83
N ARG B 24 -6.33 -0.03 -15.23
CA ARG B 24 -7.33 -0.79 -14.49
C ARG B 24 -8.50 0.12 -14.17
N GLN B 25 -9.69 -0.48 -14.34
CA GLN B 25 -10.97 0.13 -14.05
C GLN B 25 -11.17 0.22 -12.53
N LEU B 26 -11.52 1.41 -12.06
CA LEU B 26 -11.79 1.62 -10.65
C LEU B 26 -13.15 2.28 -10.52
N ASN B 27 -14.01 1.69 -9.70
CA ASN B 27 -15.30 2.28 -9.42
C ASN B 27 -15.11 3.16 -8.20
N ARG B 28 -16.15 3.79 -7.64
CA ARG B 28 -16.01 4.69 -6.51
C ARG B 28 -15.52 3.89 -5.31
N GLY B 29 -14.60 4.45 -4.54
CA GLY B 29 -14.08 3.78 -3.36
C GLY B 29 -13.04 2.71 -3.68
N GLU B 30 -12.85 2.28 -4.92
CA GLU B 30 -11.85 1.26 -5.20
C GLU B 30 -10.45 1.83 -5.18
N SER B 31 -9.52 0.95 -4.83
CA SER B 31 -8.10 1.25 -4.74
C SER B 31 -7.30 0.25 -5.56
N TRP B 32 -6.12 0.68 -5.98
CA TRP B 32 -5.21 -0.10 -6.77
C TRP B 32 -3.87 0.15 -6.10
N ARG B 33 -2.99 -0.84 -5.98
CA ARG B 33 -1.69 -0.66 -5.35
C ARG B 33 -0.69 -1.22 -6.33
N ILE B 34 0.26 -0.36 -6.59
CA ILE B 34 1.29 -0.56 -7.61
C ILE B 34 2.62 -0.52 -6.86
N THR B 35 3.63 -1.26 -7.32
CA THR B 35 4.93 -1.22 -6.70
C THR B 35 5.87 -0.80 -7.81
N ALA B 36 6.47 0.38 -7.66
CA ALA B 36 7.44 0.85 -8.63
C ALA B 36 8.85 0.64 -8.08
N PRO B 37 9.76 0.05 -8.87
CA PRO B 37 11.18 -0.08 -8.57
C PRO B 37 11.84 1.26 -8.29
N ALA B 38 12.93 1.31 -7.51
CA ALA B 38 13.63 2.58 -7.29
C ALA B 38 14.33 2.84 -8.62
N GLY B 39 14.56 4.09 -9.02
CA GLY B 39 15.19 4.39 -10.30
C GLY B 39 14.21 4.41 -11.48
N THR B 40 12.90 4.31 -11.26
CA THR B 40 11.91 4.41 -12.34
C THR B 40 11.86 5.89 -12.64
N THR B 41 12.03 6.31 -13.89
CA THR B 41 11.91 7.71 -14.25
C THR B 41 10.76 7.84 -15.25
N ALA B 42 10.41 9.08 -15.63
CA ALA B 42 9.41 9.37 -16.67
C ALA B 42 8.08 8.60 -16.50
N ALA B 43 7.70 8.55 -15.25
CA ALA B 43 6.50 7.84 -14.90
C ALA B 43 5.33 8.79 -14.72
N ARG B 44 4.16 8.25 -15.07
CA ARG B 44 2.93 8.99 -15.01
C ARG B 44 1.84 8.10 -14.44
N ILE B 45 0.89 8.74 -13.75
CA ILE B 45 -0.30 8.09 -13.23
C ILE B 45 -1.40 9.10 -13.54
N TRP B 46 -2.52 8.67 -14.12
CA TRP B 46 -3.65 9.54 -14.42
C TRP B 46 -4.93 8.71 -14.54
N ALA B 47 -6.07 9.39 -14.57
CA ALA B 47 -7.35 8.78 -14.79
C ALA B 47 -7.85 9.08 -16.21
N ARG B 48 -8.34 8.02 -16.84
CA ARG B 48 -9.00 8.09 -18.12
C ARG B 48 -10.50 8.15 -17.84
N THR B 49 -11.30 8.80 -18.66
CA THR B 49 -12.73 8.88 -18.39
C THR B 49 -13.50 8.47 -19.64
N GLY B 50 -14.68 7.88 -19.42
CA GLY B 50 -15.58 7.42 -20.46
C GLY B 50 -14.93 6.46 -21.43
N CYS B 51 -14.81 5.19 -21.04
CA CYS B 51 -14.08 4.22 -21.84
C CYS B 51 -14.92 3.02 -22.22
N LYS B 52 -14.46 2.24 -23.20
CA LYS B 52 -15.11 1.03 -23.65
C LYS B 52 -13.98 0.20 -24.22
N PHE B 53 -13.94 -1.09 -23.88
CA PHE B 53 -12.86 -1.99 -24.30
C PHE B 53 -13.44 -3.35 -24.67
N ASP B 54 -12.68 -4.15 -25.40
CA ASP B 54 -13.08 -5.49 -25.75
C ASP B 54 -12.08 -6.46 -25.12
N ALA B 55 -12.31 -7.77 -25.16
CA ALA B 55 -11.45 -8.75 -24.50
C ALA B 55 -10.00 -8.67 -24.96
N SER B 56 -9.79 -8.27 -26.21
CA SER B 56 -8.45 -8.11 -26.75
C SER B 56 -7.72 -6.84 -26.26
N GLY B 57 -8.21 -6.14 -25.24
CA GLY B 57 -7.54 -4.96 -24.69
C GLY B 57 -7.65 -3.65 -25.50
N ARG B 58 -8.47 -3.58 -26.54
CA ARG B 58 -8.62 -2.41 -27.41
C ARG B 58 -9.93 -1.70 -27.12
N GLY B 59 -10.02 -0.41 -27.44
CA GLY B 59 -11.22 0.37 -27.25
C GLY B 59 -10.86 1.85 -27.30
N SER B 60 -11.59 2.75 -26.66
CA SER B 60 -11.25 4.16 -26.62
C SER B 60 -11.80 4.80 -25.35
N CYS B 61 -11.16 5.88 -24.94
CA CYS B 61 -11.60 6.65 -23.77
C CYS B 61 -11.80 8.09 -24.22
N ARG B 62 -12.77 8.80 -23.66
CA ARG B 62 -12.98 10.20 -23.97
C ARG B 62 -11.80 11.05 -23.49
N THR B 63 -11.18 10.82 -22.34
CA THR B 63 -10.00 11.59 -21.94
C THR B 63 -8.89 10.65 -21.46
N GLY B 64 -7.64 11.06 -21.67
CA GLY B 64 -6.52 10.29 -21.19
C GLY B 64 -6.21 9.05 -22.02
N ASP B 65 -7.00 8.67 -23.03
CA ASP B 65 -6.77 7.49 -23.87
C ASP B 65 -5.32 7.35 -24.29
N CYS B 66 -4.80 6.18 -24.00
CA CYS B 66 -3.40 5.88 -24.26
C CYS B 66 -3.23 4.94 -25.44
N GLY B 67 -3.73 5.30 -26.62
CA GLY B 67 -3.60 4.47 -27.80
C GLY B 67 -4.50 3.24 -27.88
N GLY B 68 -5.71 3.24 -27.33
CA GLY B 68 -6.60 2.12 -27.53
C GLY B 68 -6.42 0.99 -26.52
N VAL B 69 -5.19 0.63 -26.20
CA VAL B 69 -4.89 -0.37 -25.20
C VAL B 69 -5.42 -0.01 -23.81
N LEU B 70 -5.97 -0.96 -23.04
CA LEU B 70 -6.33 -0.70 -21.65
C LEU B 70 -5.04 -0.62 -20.85
N GLN B 71 -4.20 -1.65 -20.84
CA GLN B 71 -2.92 -1.52 -20.17
C GLN B 71 -2.07 -0.64 -21.04
N CYS B 72 -2.04 0.63 -20.66
CA CYS B 72 -1.24 1.60 -21.34
C CYS B 72 0.24 1.26 -21.34
N THR B 73 0.86 1.37 -22.50
CA THR B 73 2.30 1.22 -22.64
C THR B 73 2.88 2.62 -22.78
N GLY B 74 2.06 3.63 -23.12
CA GLY B 74 2.58 4.97 -23.39
C GLY B 74 1.69 6.01 -22.74
N TYR B 75 2.01 7.27 -23.02
CA TYR B 75 1.30 8.39 -22.43
C TYR B 75 -0.07 8.57 -23.07
N GLY B 76 -0.91 9.31 -22.36
CA GLY B 76 -2.29 9.48 -22.77
C GLY B 76 -2.49 10.88 -23.33
N ARG B 77 -3.61 11.03 -24.01
CA ARG B 77 -3.96 12.30 -24.63
C ARG B 77 -4.73 13.26 -23.76
N ALA B 78 -4.26 14.49 -23.88
CA ALA B 78 -4.83 15.65 -23.24
C ALA B 78 -6.32 15.74 -23.58
N PRO B 79 -7.22 16.24 -22.72
CA PRO B 79 -6.95 16.79 -21.39
C PRO B 79 -6.88 15.81 -20.23
N ASN B 80 -5.78 15.69 -19.49
CA ASN B 80 -5.73 14.79 -18.35
C ASN B 80 -4.74 15.24 -17.28
N THR B 81 -5.21 15.29 -16.04
CA THR B 81 -4.42 15.71 -14.91
C THR B 81 -3.34 14.65 -14.68
N LEU B 82 -2.07 15.05 -14.66
CA LEU B 82 -0.99 14.09 -14.54
C LEU B 82 -0.32 14.03 -13.19
N ALA B 83 -0.27 12.86 -12.55
CA ALA B 83 0.56 12.67 -11.37
C ALA B 83 1.86 12.16 -11.97
N GLU B 84 3.02 12.78 -11.72
CA GLU B 84 4.25 12.37 -12.39
C GLU B 84 5.37 12.19 -11.41
N TYR B 85 6.27 11.23 -11.65
CA TYR B 85 7.37 11.00 -10.73
C TYR B 85 8.63 10.36 -11.29
N ALA B 86 9.73 10.50 -10.55
CA ALA B 86 11.00 9.88 -10.85
C ALA B 86 11.55 9.44 -9.51
N LEU B 87 11.82 8.15 -9.32
CA LEU B 87 12.25 7.64 -8.04
C LEU B 87 13.74 7.53 -7.91
N LYS B 88 14.26 8.03 -6.78
CA LYS B 88 15.65 7.87 -6.32
C LYS B 88 16.68 8.29 -7.36
N GLN B 89 16.78 9.59 -7.56
CA GLN B 89 17.72 10.14 -8.53
C GLN B 89 18.79 10.86 -7.73
N PHE B 90 19.12 12.15 -7.98
CA PHE B 90 20.16 12.83 -7.24
C PHE B 90 19.92 12.69 -5.74
N ASN B 91 20.99 12.29 -5.06
CA ASN B 91 21.06 12.17 -3.61
C ASN B 91 19.98 11.28 -3.01
N ASN B 92 19.52 10.34 -3.86
CA ASN B 92 18.51 9.34 -3.55
C ASN B 92 17.20 9.93 -3.03
N LEU B 93 16.84 11.00 -3.73
CA LEU B 93 15.58 11.68 -3.53
C LEU B 93 14.63 11.27 -4.64
N ASP B 94 13.33 11.29 -4.37
CA ASP B 94 12.28 11.04 -5.34
C ASP B 94 11.77 12.39 -5.77
N PHE B 95 11.29 12.53 -7.00
CA PHE B 95 10.80 13.80 -7.50
C PHE B 95 9.38 13.56 -7.98
N PHE B 96 8.43 14.41 -7.57
CA PHE B 96 7.05 14.24 -7.99
C PHE B 96 6.37 15.59 -8.07
N ASP B 97 5.28 15.62 -8.83
CA ASP B 97 4.50 16.82 -9.11
C ASP B 97 3.15 16.47 -9.72
N ILE B 98 2.21 17.42 -9.73
CA ILE B 98 0.95 17.25 -10.43
C ILE B 98 1.13 18.20 -11.62
N SER B 99 0.91 17.75 -12.84
CA SER B 99 1.03 18.61 -13.98
C SER B 99 -0.30 18.82 -14.63
N LEU B 100 -0.49 20.09 -14.99
CA LEU B 100 -1.67 20.54 -15.71
C LEU B 100 -1.32 21.04 -17.11
N ILE B 101 -0.07 20.84 -17.52
CA ILE B 101 0.42 21.24 -18.84
C ILE B 101 -0.38 20.54 -19.94
N ASP B 102 -0.84 19.31 -19.75
CA ASP B 102 -1.67 18.64 -20.72
C ASP B 102 -3.12 18.62 -20.30
N GLY B 103 -3.52 19.68 -19.63
CA GLY B 103 -4.90 19.82 -19.22
C GLY B 103 -5.21 19.16 -17.91
N PHE B 104 -6.51 19.24 -17.69
CA PHE B 104 -7.12 18.77 -16.49
C PHE B 104 -8.39 18.08 -16.94
N ASN B 105 -8.66 16.96 -16.28
CA ASN B 105 -9.92 16.26 -16.47
C ASN B 105 -10.51 15.99 -15.10
N VAL B 106 -9.79 15.44 -14.11
CA VAL B 106 -10.32 15.11 -12.77
C VAL B 106 -9.43 15.80 -11.73
N PRO B 107 -9.88 16.19 -10.52
CA PRO B 107 -9.00 16.65 -9.44
C PRO B 107 -8.12 15.54 -8.90
N MET B 108 -6.98 15.86 -8.33
CA MET B 108 -6.04 14.89 -7.83
C MET B 108 -5.21 15.42 -6.65
N SER B 109 -4.61 14.50 -5.91
CA SER B 109 -3.69 14.77 -4.81
C SER B 109 -2.61 13.70 -4.89
N PHE B 110 -1.36 14.06 -4.69
CA PHE B 110 -0.24 13.12 -4.77
C PHE B 110 0.51 13.42 -3.48
N LEU B 111 0.36 12.59 -2.46
CA LEU B 111 0.94 12.85 -1.15
C LEU B 111 1.76 11.66 -0.69
N PRO B 112 2.80 11.86 0.12
CA PRO B 112 3.55 10.79 0.78
C PRO B 112 2.61 9.96 1.65
N ASP B 113 2.93 8.69 1.77
CA ASP B 113 2.08 7.76 2.49
C ASP B 113 2.95 6.82 3.31
N GLY B 114 3.89 7.40 4.04
CA GLY B 114 4.72 6.60 4.89
C GLY B 114 5.98 6.17 4.17
N GLY B 115 6.75 5.41 4.93
CA GLY B 115 8.08 5.00 4.51
C GLY B 115 9.11 6.06 4.90
N SER B 116 8.73 7.28 5.29
CA SER B 116 9.70 8.29 5.70
C SER B 116 8.93 9.38 6.43
N GLY B 117 9.62 10.40 6.91
CA GLY B 117 8.97 11.57 7.50
C GLY B 117 8.53 12.56 6.43
N CYS B 118 8.37 12.19 5.17
CA CYS B 118 7.95 13.15 4.14
C CYS B 118 6.46 13.39 4.30
N SER B 119 5.99 14.64 4.27
CA SER B 119 4.56 14.90 4.38
C SER B 119 4.01 15.79 3.25
N ARG B 120 4.70 16.89 2.99
CA ARG B 120 4.37 17.85 1.94
C ARG B 120 4.31 17.23 0.56
N GLY B 121 3.19 17.36 -0.13
CA GLY B 121 3.03 16.86 -1.48
C GLY B 121 2.03 17.76 -2.21
N PRO B 122 1.95 17.74 -3.54
CA PRO B 122 0.98 18.51 -4.32
C PRO B 122 -0.50 18.12 -4.26
N ARG B 123 -1.38 19.12 -4.34
CA ARG B 123 -2.83 18.93 -4.33
C ARG B 123 -3.47 19.86 -5.37
N CYS B 124 -4.42 19.41 -6.18
CA CYS B 124 -5.16 20.23 -7.13
C CYS B 124 -6.54 19.66 -6.97
N ALA B 125 -7.23 20.13 -5.92
CA ALA B 125 -8.51 19.55 -5.56
C ALA B 125 -9.73 20.38 -5.96
N VAL B 126 -9.48 21.54 -6.54
CA VAL B 126 -10.57 22.41 -6.92
C VAL B 126 -11.14 21.90 -8.26
N ASP B 127 -12.35 22.27 -8.64
CA ASP B 127 -12.82 21.83 -9.95
C ASP B 127 -12.46 22.89 -10.97
N VAL B 128 -11.27 22.74 -11.56
CA VAL B 128 -10.76 23.59 -12.63
C VAL B 128 -11.72 23.67 -13.81
N ASN B 129 -12.58 22.66 -14.04
CA ASN B 129 -13.50 22.73 -15.19
C ASN B 129 -14.56 23.81 -15.03
N ALA B 130 -15.00 24.00 -13.79
CA ALA B 130 -16.07 24.93 -13.44
C ALA B 130 -15.97 26.33 -14.04
N ARG B 131 -14.77 26.89 -14.00
CA ARG B 131 -14.54 28.23 -14.50
C ARG B 131 -13.53 28.24 -15.65
N CYS B 132 -13.42 27.14 -16.41
CA CYS B 132 -12.46 27.05 -17.50
C CYS B 132 -12.61 28.13 -18.57
N PRO B 133 -11.54 28.81 -18.99
CA PRO B 133 -11.58 29.70 -20.17
C PRO B 133 -12.14 28.98 -21.39
N ALA B 134 -13.21 29.55 -21.95
CA ALA B 134 -13.91 29.06 -23.13
C ALA B 134 -13.06 28.54 -24.28
N GLU B 135 -11.94 29.21 -24.56
CA GLU B 135 -11.02 28.84 -25.63
C GLU B 135 -10.45 27.44 -25.44
N LEU B 136 -10.26 27.13 -24.15
CA LEU B 136 -9.69 25.89 -23.66
C LEU B 136 -10.69 24.79 -23.35
N ARG B 137 -12.02 25.00 -23.36
CA ARG B 137 -12.95 23.93 -22.98
C ARG B 137 -12.91 22.88 -24.04
N GLN B 138 -12.99 21.63 -23.59
CA GLN B 138 -12.83 20.51 -24.51
C GLN B 138 -13.26 19.24 -23.81
N ASP B 139 -14.10 18.42 -24.46
CA ASP B 139 -14.57 17.13 -23.96
C ASP B 139 -15.21 17.28 -22.57
N GLY B 140 -15.91 18.37 -22.32
CA GLY B 140 -16.52 18.62 -21.02
C GLY B 140 -15.49 19.06 -19.98
N VAL B 141 -14.17 19.00 -20.21
CA VAL B 141 -13.20 19.41 -19.21
C VAL B 141 -12.36 20.61 -19.69
N CYS B 142 -11.26 20.95 -19.01
CA CYS B 142 -10.43 22.10 -19.35
C CYS B 142 -9.09 21.64 -19.90
N ASN B 143 -8.78 22.03 -21.12
CA ASN B 143 -7.51 21.61 -21.71
C ASN B 143 -6.53 22.78 -21.51
N ASN B 144 -5.23 22.67 -21.76
CA ASN B 144 -4.36 23.82 -21.51
C ASN B 144 -3.89 24.39 -22.83
N ALA B 145 -3.29 25.57 -22.81
CA ALA B 145 -2.79 26.28 -23.96
C ALA B 145 -1.91 25.51 -24.93
N CYS B 146 -0.86 24.78 -24.53
CA CYS B 146 -0.09 24.05 -25.53
C CYS B 146 -0.89 22.94 -26.24
N PRO B 147 -1.67 22.01 -25.68
CA PRO B 147 -2.47 21.08 -26.46
C PRO B 147 -3.51 21.72 -27.37
N VAL B 148 -4.18 22.78 -26.92
CA VAL B 148 -5.19 23.47 -27.72
C VAL B 148 -4.60 24.29 -28.87
N PHE B 149 -3.57 25.11 -28.64
CA PHE B 149 -3.10 26.00 -29.71
C PHE B 149 -1.86 25.53 -30.43
N LYS B 150 -1.15 24.54 -29.87
CA LYS B 150 0.05 23.99 -30.47
C LYS B 150 1.16 24.97 -30.87
N LYS B 151 1.47 26.02 -30.09
CA LYS B 151 2.54 26.92 -30.48
C LYS B 151 3.60 27.14 -29.41
N ASP B 152 4.79 27.44 -29.91
CA ASP B 152 6.00 27.69 -29.13
C ASP B 152 5.88 28.39 -27.80
N GLU B 153 5.18 29.51 -27.66
CA GLU B 153 5.14 30.24 -26.39
C GLU B 153 4.48 29.43 -25.29
N TYR B 154 3.51 28.60 -25.67
CA TYR B 154 2.80 27.81 -24.70
C TYR B 154 3.45 26.45 -24.42
N CYS B 155 4.02 25.91 -25.48
CA CYS B 155 4.61 24.59 -25.48
C CYS B 155 6.05 24.52 -25.02
N CYS B 156 6.86 25.52 -25.33
CA CYS B 156 8.27 25.57 -24.97
C CYS B 156 9.13 24.34 -25.25
N VAL B 157 8.73 23.46 -26.18
CA VAL B 157 9.49 22.25 -26.46
C VAL B 157 10.81 22.66 -27.15
N GLY B 158 11.83 21.85 -26.91
CA GLY B 158 13.13 22.03 -27.54
C GLY B 158 13.73 23.41 -27.35
N SER B 159 14.01 24.08 -28.45
CA SER B 159 14.60 25.39 -28.44
C SER B 159 13.72 26.43 -27.74
N ALA B 160 12.40 26.29 -27.80
CA ALA B 160 11.50 27.27 -27.24
C ALA B 160 11.52 27.37 -25.71
N ALA B 161 12.07 26.36 -25.03
CA ALA B 161 12.26 26.42 -23.58
C ALA B 161 13.08 27.65 -23.19
N ASN B 162 14.04 28.04 -24.04
CA ASN B 162 14.93 29.18 -23.76
C ASN B 162 14.25 30.53 -23.51
N ASP B 163 12.94 30.64 -23.73
CA ASP B 163 12.26 31.88 -23.45
C ASP B 163 10.84 31.55 -23.00
N CYS B 164 10.66 30.41 -22.32
CA CYS B 164 9.33 29.98 -21.90
C CYS B 164 8.85 30.90 -20.80
N HIS B 165 7.60 31.32 -20.78
CA HIS B 165 7.13 32.30 -19.80
C HIS B 165 5.69 32.02 -19.39
N PRO B 166 5.19 32.53 -18.26
CA PRO B 166 3.77 32.57 -17.94
C PRO B 166 3.00 33.34 -19.02
N THR B 167 1.77 32.92 -19.27
CA THR B 167 0.87 33.55 -20.20
C THR B 167 -0.43 33.70 -19.42
N ASN B 168 -1.45 34.33 -20.00
CA ASN B 168 -2.73 34.51 -19.31
C ASN B 168 -3.36 33.16 -19.04
N TYR B 169 -3.20 32.20 -19.96
CA TYR B 169 -3.73 30.87 -19.77
C TYR B 169 -3.04 30.11 -18.65
N SER B 170 -1.69 30.05 -18.55
CA SER B 170 -1.03 29.39 -17.42
C SER B 170 -1.51 29.99 -16.10
N ARG B 171 -1.66 31.32 -16.05
CA ARG B 171 -2.10 31.97 -14.82
C ARG B 171 -3.45 31.50 -14.33
N TYR B 172 -4.35 31.03 -15.20
CA TYR B 172 -5.63 30.48 -14.77
C TYR B 172 -5.37 29.23 -13.92
N PHE B 173 -4.59 28.30 -14.47
CA PHE B 173 -4.32 27.03 -13.80
C PHE B 173 -3.58 27.18 -12.48
N LYS B 174 -2.71 28.18 -12.47
CA LYS B 174 -1.89 28.46 -11.33
C LYS B 174 -2.75 29.07 -10.22
N GLY B 175 -3.75 29.91 -10.58
CA GLY B 175 -4.63 30.49 -9.60
C GLY B 175 -5.52 29.43 -8.96
N GLN B 176 -5.88 28.41 -9.73
CA GLN B 176 -6.77 27.36 -9.23
C GLN B 176 -6.00 26.33 -8.40
N CYS B 177 -4.80 25.95 -8.87
CA CYS B 177 -4.00 24.93 -8.23
C CYS B 177 -2.54 25.39 -8.21
N PRO B 178 -2.18 26.24 -7.23
CA PRO B 178 -0.81 26.70 -6.97
C PRO B 178 0.26 25.63 -7.02
N ASP B 179 -0.06 24.43 -6.52
CA ASP B 179 0.92 23.37 -6.42
C ASP B 179 1.31 22.72 -7.72
N ALA B 180 0.47 22.82 -8.75
CA ALA B 180 0.74 22.06 -9.95
C ALA B 180 1.40 22.86 -11.05
N TYR B 181 2.11 22.15 -11.93
CA TYR B 181 2.73 22.73 -13.09
C TYR B 181 1.66 23.30 -14.01
N SER B 182 1.66 24.59 -14.26
CA SER B 182 0.69 25.17 -15.18
C SER B 182 1.25 25.43 -16.57
N TYR B 183 2.57 25.40 -16.78
CA TYR B 183 3.21 25.61 -18.07
C TYR B 183 4.60 24.97 -18.01
N PRO B 184 5.34 24.69 -19.10
CA PRO B 184 6.55 23.85 -19.07
C PRO B 184 7.66 24.21 -18.07
N LYS B 185 7.97 25.49 -17.92
CA LYS B 185 9.06 25.90 -17.04
C LYS B 185 8.59 26.33 -15.66
N ASP B 186 7.58 25.69 -15.10
CA ASP B 186 7.08 26.07 -13.79
C ASP B 186 7.72 25.31 -12.62
N ASP B 187 9.02 25.00 -12.75
CA ASP B 187 9.79 24.22 -11.78
C ASP B 187 9.82 24.78 -10.37
N ALA B 188 10.22 26.05 -10.20
CA ALA B 188 10.33 26.68 -8.89
C ALA B 188 9.13 26.56 -7.94
N THR B 189 7.90 26.36 -8.37
CA THR B 189 6.82 26.23 -7.40
C THR B 189 6.19 24.85 -7.47
N SER B 190 6.68 23.95 -8.31
CA SER B 190 6.00 22.67 -8.48
C SER B 190 6.81 21.40 -8.22
N THR B 191 8.13 21.47 -8.06
CA THR B 191 8.98 20.34 -7.72
C THR B 191 8.80 19.87 -6.27
N PHE B 192 8.44 18.62 -5.99
CA PHE B 192 8.42 18.14 -4.61
C PHE B 192 9.40 17.01 -4.56
N THR B 193 9.98 16.78 -3.38
CA THR B 193 10.95 15.72 -3.24
C THR B 193 10.71 15.00 -1.91
N CYS B 194 10.92 13.70 -1.90
CA CYS B 194 10.78 12.93 -0.67
C CYS B 194 12.00 12.02 -0.62
N PRO B 195 12.51 11.55 0.53
CA PRO B 195 13.59 10.57 0.58
C PRO B 195 13.19 9.28 -0.15
N ALA B 196 14.11 8.61 -0.84
CA ALA B 196 13.77 7.35 -1.48
C ALA B 196 13.40 6.41 -0.33
N GLY B 197 12.43 5.51 -0.53
CA GLY B 197 11.91 4.68 0.56
C GLY B 197 10.47 5.10 0.87
N THR B 198 10.03 6.27 0.42
CA THR B 198 8.68 6.76 0.60
C THR B 198 7.69 6.04 -0.32
N ASN B 199 6.48 5.88 0.20
CA ASN B 199 5.37 5.26 -0.51
C ASN B 199 4.40 6.39 -0.79
N TYR B 200 3.47 6.30 -1.74
CA TYR B 200 2.68 7.45 -2.13
C TYR B 200 1.23 7.11 -2.35
N LYS B 201 0.43 8.16 -2.27
CA LYS B 201 -1.00 8.07 -2.42
C LYS B 201 -1.44 9.08 -3.46
N VAL B 202 -2.16 8.57 -4.45
CA VAL B 202 -2.73 9.34 -5.55
C VAL B 202 -4.22 9.14 -5.37
N VAL B 203 -4.99 10.21 -5.24
CA VAL B 203 -6.44 10.11 -5.09
C VAL B 203 -7.10 10.93 -6.19
N PHE B 204 -8.06 10.32 -6.88
CA PHE B 204 -8.80 10.99 -7.92
C PHE B 204 -9.99 11.48 -7.13
N CYS B 205 -10.25 12.78 -7.22
CA CYS B 205 -11.21 13.48 -6.38
C CYS B 205 -10.83 13.33 -4.90
N PRO B 206 -9.87 14.16 -4.40
CA PRO B 206 -9.62 14.35 -2.98
C PRO B 206 -10.77 15.05 -2.27
#